data_6CC7
#
_entry.id   6CC7
#
_cell.length_a   75.267
_cell.length_b   79.747
_cell.length_c   82.922
_cell.angle_alpha   90.00
_cell.angle_beta   90.00
_cell.angle_gamma   90.00
#
_symmetry.space_group_name_H-M   'I 2 2 2'
#
loop_
_entity.id
_entity.type
_entity.pdbx_description
1 polymer 'Glycoside hydrolase family 62 protein'
2 non-polymer 'CALCIUM ION'
3 non-polymer 'SULFATE ION'
4 non-polymer 1,2-ETHANEDIOL
5 water water
#
_entity_poly.entity_id   1
_entity_poly.type   'polypeptide(L)'
_entity_poly.pdbx_seq_one_letter_code
;MKHHHHHHPENLYFNGAMTCDLPTTYKWNSTGALAQPKNGWTSLKDFTHVPYNGQHLVYGSMVSGGSYGSMNFGLFTDWN
GMGSVSQNKMSQAAVAPTLFYFAPKKVWILAHQWGPTSFSYRTSSDPTNPNGWSSPQPLFTGTISGSSTGVIDQTVIGDD
TNMYLFFAGDNGKIYRASMPIGNFPGSFGSSSTVVMSDSTNNLFEAVQVYKLQGQTKYLMIVEAIGSQGRYFRSFTATSL
GGSWTPNAATESSPFAGKANSGATWTNDISHGDLIRVTNDQTMTVDPCNLQLLYQGRAPNSGGSYNNLPYRPGLLTLQR
;
_entity_poly.pdbx_strand_id   A
#
loop_
_chem_comp.id
_chem_comp.type
_chem_comp.name
_chem_comp.formula
CA non-polymer 'CALCIUM ION' 'Ca 2'
EDO non-polymer 1,2-ETHANEDIOL 'C2 H6 O2'
SO4 non-polymer 'SULFATE ION' 'O4 S -2'
#
# COMPACT_ATOMS: atom_id res chain seq x y z
N GLY A 16 35.36 34.29 13.38
CA GLY A 16 35.22 35.48 14.25
C GLY A 16 36.45 36.40 14.21
N ALA A 17 36.66 37.10 15.32
CA ALA A 17 37.69 38.12 15.40
C ALA A 17 39.14 37.63 15.33
N MET A 18 39.37 36.35 15.64
CA MET A 18 40.74 35.80 15.75
C MET A 18 40.67 34.27 15.65
N THR A 19 41.80 33.66 15.32
CA THR A 19 41.92 32.21 15.26
C THR A 19 42.22 31.71 16.68
N CYS A 20 41.66 30.56 17.05
CA CYS A 20 42.01 29.95 18.31
C CYS A 20 42.55 28.57 18.03
N ASP A 21 43.52 28.16 18.87
CA ASP A 21 44.07 26.82 18.87
C ASP A 21 43.31 25.86 19.74
N LEU A 22 43.48 24.59 19.43
CA LEU A 22 43.01 23.56 20.32
C LEU A 22 43.82 23.64 21.59
N PRO A 23 43.19 23.34 22.73
CA PRO A 23 44.01 23.22 23.93
C PRO A 23 44.76 21.91 23.94
N THR A 24 45.69 21.77 24.88
CA THR A 24 46.31 20.49 25.10
C THR A 24 45.55 19.70 26.12
N THR A 25 44.84 20.38 27.01
CA THR A 25 44.00 19.75 28.04
C THR A 25 42.58 20.29 27.92
N TYR A 26 41.60 19.40 27.89
CA TYR A 26 40.21 19.81 27.56
C TYR A 26 39.35 19.82 28.81
N LYS A 27 38.49 20.84 28.93
CA LYS A 27 37.40 20.83 29.93
C LYS A 27 36.11 21.30 29.26
N TRP A 28 35.01 20.61 29.55
CA TRP A 28 33.72 20.90 28.93
C TRP A 28 32.61 21.09 29.96
N ASN A 29 31.57 21.79 29.53
CA ASN A 29 30.26 21.73 30.15
C ASN A 29 29.37 20.93 29.21
N SER A 30 28.36 20.31 29.77
CA SER A 30 27.46 19.48 29.02
C SER A 30 26.00 19.83 29.26
N THR A 31 25.23 19.77 28.17
CA THR A 31 23.80 19.56 28.32
C THR A 31 23.43 18.19 28.93
N GLY A 32 22.16 18.08 29.28
CA GLY A 32 21.51 16.80 29.45
C GLY A 32 21.25 16.18 28.10
N ALA A 33 20.50 15.08 28.13
CA ALA A 33 20.06 14.43 26.92
C ALA A 33 19.16 15.44 26.20
N LEU A 34 19.39 15.65 24.91
CA LEU A 34 18.73 16.75 24.18
C LEU A 34 17.46 16.28 23.51
N ALA A 35 17.33 14.96 23.35
CA ALA A 35 16.15 14.40 22.74
C ALA A 35 16.01 12.96 23.20
N GLN A 36 14.77 12.51 23.21
CA GLN A 36 14.43 11.13 23.51
C GLN A 36 13.97 10.54 22.21
N PRO A 37 14.23 9.23 22.01
CA PRO A 37 13.79 8.68 20.74
C PRO A 37 12.26 8.66 20.60
N LYS A 38 11.77 9.07 19.45
CA LYS A 38 10.34 9.06 19.20
C LYS A 38 9.99 7.77 18.48
N ASN A 39 8.72 7.65 18.10
CA ASN A 39 8.27 6.62 17.16
C ASN A 39 8.44 5.18 17.64
N GLY A 40 8.50 4.96 18.96
CA GLY A 40 8.81 3.66 19.52
C GLY A 40 10.26 3.16 19.36
N TRP A 41 11.20 4.04 19.00
CA TRP A 41 12.59 3.70 18.81
C TRP A 41 13.31 3.55 20.11
N THR A 42 14.40 2.79 20.08
CA THR A 42 15.20 2.52 21.24
C THR A 42 16.29 3.54 21.48
N SER A 43 16.86 4.07 20.40
CA SER A 43 18.01 4.93 20.48
C SER A 43 18.12 5.86 19.26
N LEU A 44 18.88 6.91 19.49
CA LEU A 44 19.35 7.84 18.50
C LEU A 44 20.88 7.90 18.65
N LYS A 45 21.57 7.83 17.52
CA LYS A 45 22.98 7.59 17.51
C LYS A 45 23.71 8.26 16.35
N ASP A 46 25.05 8.21 16.44
CA ASP A 46 25.94 8.43 15.31
C ASP A 46 25.68 9.74 14.57
N PHE A 47 25.62 10.83 15.34
CA PHE A 47 25.07 12.08 14.78
C PHE A 47 26.04 12.70 13.80
N THR A 48 25.49 13.32 12.74
CA THR A 48 26.27 14.18 11.85
C THR A 48 25.43 15.48 11.72
N HIS A 49 26.11 16.62 11.85
CA HIS A 49 25.46 17.91 11.90
C HIS A 49 26.04 18.83 10.83
N VAL A 50 25.16 19.62 10.19
CA VAL A 50 25.63 20.81 9.47
C VAL A 50 24.87 22.07 9.87
N PRO A 51 25.54 23.23 9.77
CA PRO A 51 24.77 24.48 9.87
C PRO A 51 23.93 24.58 8.58
N TYR A 52 22.68 24.97 8.71
CA TYR A 52 21.80 25.08 7.52
C TYR A 52 20.96 26.35 7.69
N ASN A 53 21.30 27.41 6.95
CA ASN A 53 20.59 28.69 7.06
C ASN A 53 20.32 29.12 8.49
N GLY A 54 21.38 29.19 9.27
CA GLY A 54 21.28 29.69 10.67
C GLY A 54 20.71 28.71 11.65
N GLN A 55 20.55 27.46 11.20
CA GLN A 55 19.85 26.43 11.95
C GLN A 55 20.69 25.20 12.00
N HIS A 56 20.21 24.24 12.77
CA HIS A 56 20.88 22.94 12.96
C HIS A 56 20.22 21.83 12.16
N LEU A 57 20.99 21.14 11.31
CA LEU A 57 20.47 20.00 10.54
C LEU A 57 21.26 18.78 10.93
N VAL A 58 20.58 17.82 11.52
CA VAL A 58 21.23 16.64 12.11
C VAL A 58 20.65 15.36 11.55
N TYR A 59 21.49 14.50 11.02
CA TYR A 59 21.17 13.10 10.69
C TYR A 59 21.82 12.15 11.71
N GLY A 60 21.32 10.93 11.77
CA GLY A 60 21.88 9.95 12.69
C GLY A 60 21.45 8.54 12.33
N SER A 61 21.96 7.58 13.08
CA SER A 61 21.39 6.24 13.13
C SER A 61 20.29 6.19 14.18
N MET A 62 19.44 5.18 14.04
CA MET A 62 18.47 4.87 15.11
C MET A 62 18.36 3.36 15.24
N VAL A 63 17.71 2.91 16.31
CA VAL A 63 17.38 1.48 16.48
C VAL A 63 15.88 1.40 16.77
N SER A 64 15.22 0.53 16.01
CA SER A 64 13.79 0.23 16.14
C SER A 64 13.69 -1.27 16.21
N GLY A 65 13.15 -1.81 17.30
CA GLY A 65 12.96 -3.28 17.47
C GLY A 65 14.20 -4.11 17.27
N GLY A 66 15.34 -3.65 17.78
CA GLY A 66 16.58 -4.37 17.62
C GLY A 66 17.36 -4.08 16.36
N SER A 67 16.74 -3.49 15.34
CA SER A 67 17.42 -3.25 14.05
C SER A 67 17.79 -1.80 13.86
N TYR A 68 18.94 -1.62 13.20
CA TYR A 68 19.52 -0.32 12.91
C TYR A 68 18.87 0.30 11.68
N GLY A 69 18.54 1.56 11.78
CA GLY A 69 18.08 2.33 10.64
C GLY A 69 18.71 3.72 10.74
N SER A 70 18.25 4.62 9.93
CA SER A 70 18.71 5.99 9.97
C SER A 70 17.57 7.01 9.99
N MET A 71 17.91 8.25 10.34
CA MET A 71 16.91 9.28 10.49
C MET A 71 17.51 10.67 10.32
N ASN A 72 16.63 11.66 10.24
CA ASN A 72 17.05 13.06 10.47
C ASN A 72 16.08 13.71 11.43
N PHE A 73 16.56 14.75 12.11
CA PHE A 73 15.72 15.60 12.96
C PHE A 73 15.21 16.73 12.08
N GLY A 74 14.00 17.19 12.34
CA GLY A 74 13.50 18.45 11.75
C GLY A 74 14.45 19.58 12.07
N LEU A 75 14.51 20.61 11.23
CA LEU A 75 15.33 21.78 11.53
C LEU A 75 14.97 22.37 12.88
N PHE A 76 16.01 22.76 13.64
CA PHE A 76 15.83 23.51 14.89
C PHE A 76 16.86 24.61 15.02
N THR A 77 16.52 25.68 15.70
CA THR A 77 17.41 26.86 15.76
C THR A 77 18.30 26.86 17.00
N ASP A 78 17.69 26.55 18.13
CA ASP A 78 18.35 26.52 19.42
C ASP A 78 18.45 25.06 19.90
N TRP A 79 19.50 24.71 20.64
CA TRP A 79 19.67 23.31 21.10
C TRP A 79 18.54 22.80 22.00
N ASN A 80 17.85 23.68 22.70
CA ASN A 80 16.71 23.24 23.55
C ASN A 80 15.44 22.88 22.75
N GLY A 81 15.48 23.10 21.43
CA GLY A 81 14.46 22.67 20.50
C GLY A 81 14.69 21.32 19.82
N MET A 82 15.92 20.77 19.94
CA MET A 82 16.23 19.48 19.33
C MET A 82 15.22 18.37 19.74
N GLY A 83 14.81 18.40 21.00
CA GLY A 83 13.88 17.40 21.56
C GLY A 83 12.41 17.56 21.16
N SER A 84 12.10 18.69 20.53
CA SER A 84 10.72 19.03 20.15
C SER A 84 10.33 18.65 18.75
N VAL A 85 11.31 18.69 17.86
CA VAL A 85 11.10 18.51 16.41
C VAL A 85 10.87 17.03 16.02
N SER A 86 10.42 16.83 14.80
CA SER A 86 10.15 15.51 14.24
C SER A 86 11.44 14.74 14.18
N GLN A 87 11.29 13.42 14.17
CA GLN A 87 12.37 12.50 14.03
C GLN A 87 11.85 11.60 12.90
N ASN A 88 12.53 11.66 11.77
CA ASN A 88 12.04 11.20 10.51
C ASN A 88 12.86 10.02 10.06
N LYS A 89 12.21 8.87 9.96
CA LYS A 89 12.88 7.67 9.45
C LYS A 89 13.18 7.87 7.98
N MET A 90 14.34 7.41 7.56
CA MET A 90 14.60 7.30 6.13
C MET A 90 13.94 5.98 5.71
N SER A 91 12.93 6.08 4.84
CA SER A 91 12.03 4.94 4.51
C SER A 91 11.71 4.93 3.01
N GLN A 92 11.53 3.74 2.43
CA GLN A 92 11.08 3.56 1.05
C GLN A 92 10.06 2.38 1.03
N ALA A 93 9.10 2.37 1.96
CA ALA A 93 8.12 1.27 2.01
C ALA A 93 6.93 1.51 1.07
N ALA A 94 6.40 0.42 0.50
CA ALA A 94 5.25 0.48 -0.42
C ALA A 94 4.30 -0.69 -0.18
N VAL A 95 3.68 -0.61 0.98
CA VAL A 95 2.96 -1.75 1.49
C VAL A 95 1.63 -1.91 0.73
N ALA A 96 1.25 -3.17 0.50
CA ALA A 96 0.08 -3.53 -0.28
C ALA A 96 0.14 -2.85 -1.65
N PRO A 97 1.16 -3.21 -2.48
CA PRO A 97 1.41 -2.46 -3.72
C PRO A 97 0.49 -2.82 -4.90
N THR A 98 0.39 -1.89 -5.83
CA THR A 98 -0.16 -2.11 -7.17
C THR A 98 0.87 -1.65 -8.20
N LEU A 99 1.32 -2.57 -9.05
CA LEU A 99 2.32 -2.26 -10.08
C LEU A 99 1.70 -2.25 -11.45
N PHE A 100 1.98 -1.22 -12.24
CA PHE A 100 1.58 -1.18 -13.63
C PHE A 100 2.39 -0.11 -14.38
N TYR A 101 2.35 -0.22 -15.71
CA TYR A 101 2.99 0.72 -16.61
C TYR A 101 1.87 1.63 -17.12
N PHE A 102 1.99 2.92 -16.86
CA PHE A 102 1.02 3.87 -17.31
C PHE A 102 1.47 4.34 -18.73
N ALA A 103 0.88 3.69 -19.73
CA ALA A 103 1.33 3.85 -21.12
C ALA A 103 1.18 5.28 -21.68
N PRO A 104 0.06 5.97 -21.42
CA PRO A 104 -0.07 7.33 -21.96
C PRO A 104 1.09 8.33 -21.66
N LYS A 105 1.72 8.20 -20.50
CA LYS A 105 2.92 9.00 -20.17
C LYS A 105 4.17 8.14 -19.93
N LYS A 106 4.15 6.89 -20.37
CA LYS A 106 5.34 6.04 -20.39
C LYS A 106 6.06 6.09 -19.07
N VAL A 107 5.35 5.77 -18.01
CA VAL A 107 5.94 5.84 -16.68
C VAL A 107 5.41 4.65 -15.91
N TRP A 108 6.29 4.03 -15.12
CA TRP A 108 5.88 2.92 -14.26
C TRP A 108 5.37 3.50 -12.96
N ILE A 109 4.35 2.86 -12.42
CA ILE A 109 3.63 3.30 -11.23
C ILE A 109 3.61 2.18 -10.19
N LEU A 110 3.93 2.54 -8.94
CA LEU A 110 3.73 1.65 -7.80
C LEU A 110 2.85 2.37 -6.80
N ALA A 111 1.60 1.93 -6.71
CA ALA A 111 0.69 2.55 -5.78
C ALA A 111 0.76 1.74 -4.52
N HIS A 112 0.50 2.39 -3.39
CA HIS A 112 0.55 1.69 -2.10
C HIS A 112 -0.14 2.49 -0.96
N GLN A 113 -0.11 1.93 0.24
CA GLN A 113 -0.72 2.56 1.41
C GLN A 113 0.36 2.84 2.46
N TRP A 114 -0.13 3.41 3.55
CA TRP A 114 0.69 3.76 4.71
C TRP A 114 1.87 4.63 4.37
N GLY A 115 1.72 5.44 3.33
CA GLY A 115 2.63 6.54 3.06
C GLY A 115 2.11 7.79 3.75
N PRO A 116 2.54 8.96 3.25
CA PRO A 116 2.11 10.22 3.90
C PRO A 116 0.61 10.46 3.89
N THR A 117 -0.03 10.17 2.76
CA THR A 117 -1.47 10.32 2.60
C THR A 117 -2.14 8.95 2.50
N SER A 118 -3.46 8.95 2.45
CA SER A 118 -4.26 7.73 2.51
C SER A 118 -3.79 6.68 1.53
N PHE A 119 -3.55 7.07 0.28
CA PHE A 119 -2.81 6.23 -0.62
C PHE A 119 -1.78 7.10 -1.34
N SER A 120 -0.74 6.42 -1.77
CA SER A 120 0.44 6.97 -2.43
C SER A 120 0.70 6.31 -3.76
N TYR A 121 1.49 6.99 -4.60
CA TYR A 121 2.09 6.36 -5.76
C TYR A 121 3.52 6.82 -5.91
N ARG A 122 4.32 5.97 -6.56
CA ARG A 122 5.71 6.28 -6.92
C ARG A 122 5.92 6.02 -8.39
N THR A 123 6.88 6.73 -8.98
CA THR A 123 7.18 6.61 -10.39
C THR A 123 8.54 6.02 -10.58
N SER A 124 8.73 5.41 -11.75
CA SER A 124 10.00 4.82 -12.12
C SER A 124 10.08 4.65 -13.63
N SER A 125 11.30 4.61 -14.15
CA SER A 125 11.52 4.26 -15.54
C SER A 125 11.89 2.76 -15.70
N ASP A 126 12.19 2.07 -14.59
CA ASP A 126 12.53 0.62 -14.65
C ASP A 126 12.11 -0.08 -13.37
N PRO A 127 10.94 -0.72 -13.41
CA PRO A 127 10.40 -1.37 -12.22
C PRO A 127 11.17 -2.61 -11.70
N THR A 128 12.12 -3.13 -12.48
CA THR A 128 13.00 -4.20 -11.95
C THR A 128 13.91 -3.76 -10.78
N ASN A 129 14.16 -2.46 -10.65
CA ASN A 129 14.98 -1.93 -9.56
C ASN A 129 14.09 -1.47 -8.41
N PRO A 130 14.13 -2.19 -7.25
CA PRO A 130 13.27 -1.86 -6.11
C PRO A 130 13.65 -0.57 -5.35
N ASN A 131 14.82 0.00 -5.64
CA ASN A 131 15.24 1.28 -5.05
CA ASN A 131 15.24 1.29 -5.06
C ASN A 131 15.23 2.39 -6.13
N GLY A 132 14.65 2.11 -7.30
CA GLY A 132 14.52 3.09 -8.38
C GLY A 132 13.22 3.90 -8.37
N TRP A 133 12.41 3.73 -7.32
CA TRP A 133 11.12 4.41 -7.26
C TRP A 133 11.24 5.83 -6.69
N SER A 134 10.39 6.73 -7.17
CA SER A 134 10.37 8.08 -6.63
C SER A 134 9.94 8.03 -5.18
N SER A 135 10.19 9.10 -4.45
CA SER A 135 9.49 9.33 -3.18
C SER A 135 7.93 9.32 -3.38
N PRO A 136 7.17 9.10 -2.31
CA PRO A 136 5.71 8.83 -2.54
C PRO A 136 4.92 10.09 -2.77
N GLN A 137 4.06 10.05 -3.78
CA GLN A 137 3.21 11.17 -4.11
C GLN A 137 1.78 10.86 -3.69
N PRO A 138 0.96 11.89 -3.42
CA PRO A 138 -0.44 11.63 -3.05
C PRO A 138 -1.26 11.02 -4.19
N LEU A 139 -1.81 9.82 -3.94
CA LEU A 139 -2.78 9.18 -4.82
C LEU A 139 -4.23 9.44 -4.38
N PHE A 140 -4.41 9.50 -3.07
CA PHE A 140 -5.72 9.71 -2.46
C PHE A 140 -5.45 10.31 -1.11
N THR A 141 -6.36 11.19 -0.67
CA THR A 141 -6.21 11.87 0.63
C THR A 141 -7.44 11.75 1.55
N GLY A 142 -8.44 10.98 1.12
CA GLY A 142 -9.72 10.87 1.83
C GLY A 142 -9.72 9.79 2.90
N THR A 143 -10.76 9.81 3.71
CA THR A 143 -10.96 8.83 4.79
C THR A 143 -12.38 8.31 4.67
N ILE A 144 -12.69 7.34 5.49
CA ILE A 144 -14.00 6.72 5.52
C ILE A 144 -14.44 6.60 6.97
N SER A 145 -15.72 6.39 7.19
CA SER A 145 -16.25 6.14 8.55
C SER A 145 -16.60 4.67 8.72
N GLY A 146 -16.72 4.24 9.96
CA GLY A 146 -17.15 2.88 10.29
C GLY A 146 -16.11 1.83 9.97
N SER A 147 -14.84 2.12 10.25
CA SER A 147 -13.76 1.20 9.84
C SER A 147 -12.63 1.12 10.85
N SER A 148 -12.31 -0.10 11.28
CA SER A 148 -11.17 -0.29 12.18
C SER A 148 -9.86 0.10 11.55
N THR A 149 -9.77 0.02 10.21
CA THR A 149 -8.46 0.19 9.56
C THR A 149 -8.29 1.52 8.85
N GLY A 150 -9.38 2.14 8.45
CA GLY A 150 -9.28 3.23 7.52
C GLY A 150 -9.22 2.61 6.12
N VAL A 151 -9.04 3.45 5.10
CA VAL A 151 -8.98 2.95 3.72
C VAL A 151 -7.78 2.02 3.58
N ILE A 152 -7.96 0.91 2.88
CA ILE A 152 -6.89 -0.03 2.66
C ILE A 152 -7.03 -0.69 1.27
N ASP A 153 -5.92 -1.28 0.83
CA ASP A 153 -5.84 -2.18 -0.33
C ASP A 153 -6.37 -1.51 -1.59
N GLN A 154 -5.78 -0.39 -1.93
CA GLN A 154 -6.14 0.22 -3.20
C GLN A 154 -5.81 -0.71 -4.38
N THR A 155 -6.50 -0.44 -5.48
CA THR A 155 -6.11 -0.89 -6.78
C THR A 155 -6.50 0.20 -7.75
N VAL A 156 -5.88 0.18 -8.92
CA VAL A 156 -5.99 1.24 -9.91
C VAL A 156 -6.25 0.60 -11.28
N ILE A 157 -7.12 1.20 -12.08
CA ILE A 157 -7.42 0.67 -13.45
C ILE A 157 -7.92 1.81 -14.30
N GLY A 158 -7.52 1.83 -15.56
CA GLY A 158 -7.99 2.82 -16.51
C GLY A 158 -8.73 2.24 -17.69
N ASP A 159 -9.67 3.03 -18.23
CA ASP A 159 -10.29 2.72 -19.52
C ASP A 159 -9.84 3.79 -20.51
N ASP A 160 -10.51 3.98 -21.66
CA ASP A 160 -9.98 4.99 -22.62
C ASP A 160 -10.14 6.45 -22.13
N THR A 161 -11.04 6.69 -21.16
CA THR A 161 -11.41 8.05 -20.76
C THR A 161 -10.91 8.45 -19.38
N ASN A 162 -10.95 7.52 -18.43
CA ASN A 162 -10.73 7.81 -17.04
C ASN A 162 -9.78 6.79 -16.40
N MET A 163 -9.05 7.23 -15.38
CA MET A 163 -8.41 6.35 -14.40
C MET A 163 -9.33 6.26 -13.18
N TYR A 164 -9.33 5.06 -12.58
CA TYR A 164 -10.15 4.73 -11.44
C TYR A 164 -9.28 4.18 -10.30
N LEU A 165 -9.67 4.58 -9.09
CA LEU A 165 -9.14 4.04 -7.84
C LEU A 165 -10.28 3.30 -7.17
N PHE A 166 -10.04 2.07 -6.75
CA PHE A 166 -10.96 1.33 -5.92
C PHE A 166 -10.20 0.94 -4.65
N PHE A 167 -10.93 0.81 -3.54
CA PHE A 167 -10.36 0.41 -2.26
C PHE A 167 -11.41 -0.14 -1.32
N ALA A 168 -10.94 -0.65 -0.20
CA ALA A 168 -11.77 -1.27 0.78
C ALA A 168 -11.55 -0.65 2.18
N GLY A 169 -12.29 -1.16 3.16
CA GLY A 169 -12.16 -0.64 4.53
C GLY A 169 -12.34 -1.61 5.66
N ASP A 170 -12.24 -2.93 5.41
CA ASP A 170 -12.54 -3.97 6.42
C ASP A 170 -13.88 -3.73 7.08
N ASN A 171 -14.82 -3.26 6.26
CA ASN A 171 -16.12 -2.79 6.76
C ASN A 171 -17.28 -3.07 5.85
N GLY A 172 -17.12 -4.00 4.89
CA GLY A 172 -18.21 -4.44 4.05
C GLY A 172 -18.51 -3.52 2.88
N LYS A 173 -17.71 -2.49 2.67
CA LYS A 173 -17.88 -1.57 1.57
C LYS A 173 -16.66 -1.51 0.64
N ILE A 174 -16.95 -1.28 -0.64
CA ILE A 174 -15.96 -1.02 -1.65
C ILE A 174 -16.26 0.36 -2.19
N TYR A 175 -15.20 1.10 -2.45
CA TYR A 175 -15.22 2.52 -2.73
C TYR A 175 -14.50 2.78 -4.05
N ARG A 176 -14.88 3.90 -4.69
CA ARG A 176 -14.38 4.27 -6.00
C ARG A 176 -14.13 5.79 -6.10
N ALA A 177 -13.07 6.15 -6.79
CA ALA A 177 -12.87 7.50 -7.25
C ALA A 177 -12.31 7.46 -8.67
N SER A 178 -12.46 8.57 -9.37
CA SER A 178 -12.05 8.61 -10.78
C SER A 178 -11.44 9.94 -11.10
N MET A 179 -10.63 9.96 -12.15
CA MET A 179 -10.16 11.20 -12.76
C MET A 179 -10.05 11.01 -14.27
N PRO A 180 -10.02 12.10 -15.03
CA PRO A 180 -9.70 11.93 -16.46
C PRO A 180 -8.29 11.36 -16.61
N ILE A 181 -8.10 10.55 -17.63
CA ILE A 181 -6.85 9.83 -17.84
C ILE A 181 -5.68 10.77 -18.11
N GLY A 182 -5.95 11.89 -18.80
CA GLY A 182 -4.93 12.90 -19.01
C GLY A 182 -4.38 13.56 -17.77
N ASN A 183 -5.13 13.52 -16.68
CA ASN A 183 -4.70 14.03 -15.38
C ASN A 183 -3.83 13.06 -14.57
N PHE A 184 -3.67 11.81 -15.01
CA PHE A 184 -2.89 10.83 -14.26
C PHE A 184 -1.48 10.84 -14.87
N PRO A 185 -0.43 10.65 -14.07
CA PRO A 185 -0.45 10.45 -12.60
C PRO A 185 -0.77 11.70 -11.81
N GLY A 186 -1.44 11.51 -10.68
CA GLY A 186 -1.82 12.62 -9.80
C GLY A 186 -2.77 12.12 -8.75
N SER A 187 -3.29 13.02 -7.93
CA SER A 187 -4.09 12.66 -6.81
C SER A 187 -5.56 12.57 -7.22
N PHE A 188 -6.24 11.55 -6.70
CA PHE A 188 -7.69 11.45 -6.86
C PHE A 188 -8.43 12.40 -5.93
N GLY A 189 -7.73 13.08 -5.00
CA GLY A 189 -8.38 13.95 -4.02
C GLY A 189 -8.90 13.17 -2.82
N SER A 190 -9.92 13.71 -2.14
CA SER A 190 -10.44 13.12 -0.92
CA SER A 190 -10.43 13.12 -0.92
C SER A 190 -11.80 12.44 -1.06
N SER A 191 -12.53 12.75 -2.13
CA SER A 191 -13.89 12.23 -2.27
CA SER A 191 -13.89 12.21 -2.26
C SER A 191 -13.86 10.83 -2.88
N SER A 192 -14.85 10.03 -2.52
CA SER A 192 -15.03 8.73 -3.08
C SER A 192 -16.52 8.41 -3.05
N THR A 193 -16.87 7.32 -3.73
CA THR A 193 -18.26 6.85 -3.84
C THR A 193 -18.27 5.39 -3.44
N VAL A 194 -19.24 5.03 -2.61
CA VAL A 194 -19.47 3.65 -2.28
C VAL A 194 -20.03 2.91 -3.52
N VAL A 195 -19.35 1.84 -3.93
CA VAL A 195 -19.69 1.01 -5.10
C VAL A 195 -20.64 -0.12 -4.71
N MET A 196 -20.28 -0.85 -3.67
CA MET A 196 -21.09 -1.98 -3.14
CA MET A 196 -21.17 -1.90 -3.13
C MET A 196 -20.97 -2.02 -1.63
N SER A 197 -22.01 -2.55 -0.98
CA SER A 197 -22.04 -2.68 0.45
CA SER A 197 -22.02 -2.69 0.45
C SER A 197 -22.65 -4.02 0.80
N ASP A 198 -22.11 -4.66 1.82
CA ASP A 198 -22.65 -5.93 2.30
C ASP A 198 -22.17 -6.05 3.77
N SER A 199 -22.40 -7.18 4.41
CA SER A 199 -21.73 -7.46 5.69
C SER A 199 -20.20 -7.35 5.57
N THR A 200 -19.59 -7.02 6.70
CA THR A 200 -18.16 -6.81 6.81
C THR A 200 -17.40 -8.01 6.28
N ASN A 201 -17.89 -9.19 6.61
CA ASN A 201 -17.20 -10.42 6.23
C ASN A 201 -17.31 -10.72 4.76
N ASN A 202 -18.37 -10.21 4.13
CA ASN A 202 -18.61 -10.54 2.75
C ASN A 202 -17.84 -9.63 1.81
N LEU A 203 -17.53 -8.40 2.21
CA LEU A 203 -16.74 -7.48 1.38
C LEU A 203 -15.64 -6.86 2.23
N PHE A 204 -14.62 -7.64 2.51
CA PHE A 204 -13.73 -7.30 3.62
C PHE A 204 -12.56 -6.47 3.14
N GLU A 205 -11.73 -7.00 2.23
CA GLU A 205 -10.57 -6.27 1.75
C GLU A 205 -10.02 -6.80 0.44
N ALA A 206 -8.83 -6.35 0.06
CA ALA A 206 -8.06 -6.87 -1.05
C ALA A 206 -8.87 -6.86 -2.37
N VAL A 207 -9.54 -5.74 -2.61
CA VAL A 207 -10.23 -5.52 -3.89
C VAL A 207 -9.24 -5.47 -5.05
N GLN A 208 -9.60 -6.17 -6.14
CA GLN A 208 -8.82 -6.10 -7.38
C GLN A 208 -9.78 -5.97 -8.52
N VAL A 209 -9.44 -5.13 -9.50
CA VAL A 209 -10.31 -4.88 -10.64
C VAL A 209 -9.50 -5.07 -11.94
N TYR A 210 -10.13 -5.70 -12.92
CA TYR A 210 -9.46 -6.10 -14.18
C TYR A 210 -10.40 -5.92 -15.33
N LYS A 211 -9.84 -5.77 -16.53
CA LYS A 211 -10.60 -5.83 -17.78
C LYS A 211 -10.44 -7.21 -18.39
N LEU A 212 -11.53 -7.74 -18.92
CA LEU A 212 -11.51 -8.99 -19.64
C LEU A 212 -11.00 -8.80 -21.08
N GLN A 213 -9.99 -9.60 -21.45
CA GLN A 213 -9.38 -9.50 -22.77
C GLN A 213 -10.47 -9.65 -23.82
N GLY A 214 -10.47 -8.73 -24.76
CA GLY A 214 -11.33 -8.87 -25.95
C GLY A 214 -12.77 -8.47 -25.84
N GLN A 215 -13.22 -7.96 -24.69
CA GLN A 215 -14.61 -7.52 -24.55
C GLN A 215 -14.63 -6.36 -23.57
N THR A 216 -15.66 -5.53 -23.62
CA THR A 216 -15.80 -4.44 -22.65
C THR A 216 -16.60 -4.94 -21.46
N LYS A 217 -15.88 -5.70 -20.65
CA LYS A 217 -16.41 -6.20 -19.43
C LYS A 217 -15.23 -6.20 -18.45
N TYR A 218 -15.58 -5.90 -17.21
CA TYR A 218 -14.66 -5.81 -16.08
C TYR A 218 -14.97 -6.83 -15.01
N LEU A 219 -13.92 -7.23 -14.30
CA LEU A 219 -14.01 -8.21 -13.23
C LEU A 219 -13.49 -7.58 -11.94
N MET A 220 -14.30 -7.67 -10.89
CA MET A 220 -13.89 -7.27 -9.55
C MET A 220 -13.87 -8.51 -8.67
N ILE A 221 -12.74 -8.71 -7.99
CA ILE A 221 -12.67 -9.70 -6.94
C ILE A 221 -12.42 -8.98 -5.60
N VAL A 222 -13.02 -9.53 -4.54
CA VAL A 222 -12.95 -8.94 -3.19
C VAL A 222 -12.74 -10.11 -2.23
N GLU A 223 -11.81 -9.96 -1.31
CA GLU A 223 -11.60 -11.00 -0.31
C GLU A 223 -12.69 -10.90 0.75
N ALA A 224 -13.19 -12.07 1.14
CA ALA A 224 -14.21 -12.30 2.16
C ALA A 224 -13.68 -13.24 3.27
N ILE A 225 -14.28 -13.11 4.47
CA ILE A 225 -14.03 -14.01 5.61
C ILE A 225 -15.04 -15.14 5.54
N GLY A 226 -14.53 -16.37 5.37
CA GLY A 226 -15.35 -17.57 5.30
C GLY A 226 -15.30 -18.37 6.59
N SER A 227 -16.17 -19.37 6.72
CA SER A 227 -16.08 -20.33 7.82
CA SER A 227 -16.07 -20.28 7.85
C SER A 227 -14.85 -21.22 7.67
N GLN A 228 -14.43 -21.47 6.44
CA GLN A 228 -13.30 -22.32 6.14
C GLN A 228 -11.99 -21.60 5.87
N GLY A 229 -12.02 -20.28 5.73
CA GLY A 229 -10.84 -19.49 5.49
C GLY A 229 -11.17 -18.28 4.63
N ARG A 230 -10.15 -17.53 4.31
CA ARG A 230 -10.28 -16.39 3.43
C ARG A 230 -10.58 -16.89 2.04
N TYR A 231 -11.43 -16.17 1.31
CA TYR A 231 -11.76 -16.49 -0.06
C TYR A 231 -12.16 -15.25 -0.84
N PHE A 232 -12.21 -15.37 -2.16
CA PHE A 232 -12.58 -14.30 -3.04
C PHE A 232 -13.96 -14.48 -3.63
N ARG A 233 -14.68 -13.37 -3.69
CA ARG A 233 -16.00 -13.27 -4.34
CA ARG A 233 -16.00 -13.27 -4.34
C ARG A 233 -15.79 -12.43 -5.59
N SER A 234 -16.45 -12.79 -6.69
CA SER A 234 -16.28 -12.07 -7.96
C SER A 234 -17.53 -11.39 -8.42
N PHE A 235 -17.33 -10.29 -9.14
CA PHE A 235 -18.41 -9.49 -9.70
C PHE A 235 -17.98 -9.00 -11.09
N THR A 236 -18.95 -8.65 -11.92
CA THR A 236 -18.68 -8.04 -13.20
C THR A 236 -19.45 -6.78 -13.51
N ALA A 237 -18.88 -5.96 -14.40
CA ALA A 237 -19.50 -4.74 -14.87
C ALA A 237 -19.18 -4.52 -16.34
N THR A 238 -20.00 -3.79 -17.06
CA THR A 238 -19.64 -3.34 -18.43
C THR A 238 -19.11 -1.93 -18.50
N SER A 239 -19.09 -1.25 -17.36
CA SER A 239 -18.51 0.03 -17.27
C SER A 239 -17.83 0.13 -15.90
N LEU A 240 -16.59 0.65 -15.89
CA LEU A 240 -15.85 0.85 -14.63
C LEU A 240 -16.56 1.79 -13.66
N GLY A 241 -17.34 2.72 -14.18
CA GLY A 241 -18.13 3.63 -13.35
C GLY A 241 -19.54 3.15 -13.05
N GLY A 242 -19.89 1.92 -13.44
CA GLY A 242 -21.27 1.41 -13.26
C GLY A 242 -21.45 0.47 -12.08
N SER A 243 -22.54 -0.27 -12.09
CA SER A 243 -22.88 -1.22 -11.00
C SER A 243 -22.28 -2.55 -11.33
N TRP A 244 -22.06 -3.33 -10.29
CA TRP A 244 -21.41 -4.64 -10.37
C TRP A 244 -22.43 -5.73 -10.09
N THR A 245 -22.38 -6.80 -10.87
CA THR A 245 -23.29 -7.92 -10.78
C THR A 245 -22.50 -9.15 -10.21
N PRO A 246 -23.05 -9.84 -9.20
CA PRO A 246 -22.29 -10.98 -8.69
C PRO A 246 -22.06 -12.07 -9.75
N ASN A 247 -20.88 -12.66 -9.72
CA ASN A 247 -20.46 -13.76 -10.61
C ASN A 247 -20.38 -15.00 -9.73
N ALA A 248 -19.27 -15.24 -9.03
CA ALA A 248 -19.21 -16.35 -8.08
C ALA A 248 -18.95 -15.75 -6.70
N ALA A 249 -19.98 -15.73 -5.86
CA ALA A 249 -19.93 -14.89 -4.66
C ALA A 249 -20.47 -15.53 -3.40
N THR A 250 -20.32 -16.84 -3.25
CA THR A 250 -20.56 -17.47 -1.97
C THR A 250 -19.32 -18.27 -1.61
N GLU A 251 -19.19 -18.61 -0.34
CA GLU A 251 -18.07 -19.43 0.07
C GLU A 251 -18.12 -20.84 -0.53
N SER A 252 -19.32 -21.40 -0.73
CA SER A 252 -19.39 -22.76 -1.29
C SER A 252 -19.15 -22.76 -2.78
N SER A 253 -19.49 -21.66 -3.45
CA SER A 253 -19.15 -21.46 -4.88
C SER A 253 -18.48 -20.07 -5.10
N PRO A 254 -17.21 -19.96 -4.71
CA PRO A 254 -16.50 -18.66 -4.74
C PRO A 254 -15.79 -18.49 -6.04
N PHE A 255 -15.25 -17.31 -6.25
CA PHE A 255 -14.28 -17.14 -7.33
C PHE A 255 -13.10 -18.07 -7.08
N ALA A 256 -12.58 -18.03 -5.86
CA ALA A 256 -11.51 -18.88 -5.44
C ALA A 256 -11.50 -18.96 -3.94
N GLY A 257 -11.41 -20.17 -3.44
CA GLY A 257 -11.36 -20.42 -2.00
C GLY A 257 -11.08 -21.88 -1.72
N LYS A 258 -11.12 -22.25 -0.43
CA LYS A 258 -10.91 -23.66 -0.10
C LYS A 258 -11.86 -24.63 -0.86
N ALA A 259 -13.08 -24.20 -1.15
CA ALA A 259 -14.07 -25.04 -1.86
C ALA A 259 -13.62 -25.49 -3.25
N ASN A 260 -12.77 -24.72 -3.92
CA ASN A 260 -12.44 -25.00 -5.30
C ASN A 260 -10.99 -24.75 -5.75
N SER A 261 -10.12 -24.46 -4.81
CA SER A 261 -8.75 -24.03 -5.13
C SER A 261 -7.89 -25.19 -5.54
N GLY A 262 -8.16 -26.38 -4.97
CA GLY A 262 -7.25 -27.52 -5.14
C GLY A 262 -5.97 -27.37 -4.33
N ALA A 263 -5.95 -26.45 -3.35
CA ALA A 263 -4.73 -26.17 -2.56
C ALA A 263 -4.91 -26.82 -1.22
N THR A 264 -3.98 -27.70 -0.88
CA THR A 264 -4.01 -28.39 0.38
C THR A 264 -3.03 -27.84 1.38
N TRP A 265 -2.11 -26.98 0.96
CA TRP A 265 -1.15 -26.40 1.84
C TRP A 265 -1.69 -25.18 2.63
N THR A 266 -2.88 -24.69 2.22
CA THR A 266 -3.49 -23.50 2.82
C THR A 266 -5.00 -23.65 2.72
N ASN A 267 -5.68 -23.09 3.72
CA ASN A 267 -7.10 -22.87 3.64
C ASN A 267 -7.37 -21.52 2.98
N ASP A 268 -6.69 -20.47 3.45
CA ASP A 268 -6.84 -19.11 2.92
C ASP A 268 -6.43 -19.05 1.45
N ILE A 269 -7.26 -18.41 0.64
CA ILE A 269 -6.87 -17.90 -0.65
C ILE A 269 -7.11 -16.38 -0.49
N SER A 270 -6.03 -15.60 -0.44
CA SER A 270 -6.08 -14.27 0.09
C SER A 270 -5.23 -13.31 -0.79
N HIS A 271 -5.35 -12.03 -0.49
CA HIS A 271 -4.74 -10.87 -1.20
C HIS A 271 -3.56 -11.13 -2.12
N GLY A 272 -3.85 -10.93 -3.40
CA GLY A 272 -2.90 -11.12 -4.46
C GLY A 272 -3.36 -10.46 -5.73
N ASP A 273 -3.13 -11.12 -6.85
CA ASP A 273 -3.37 -10.49 -8.17
C ASP A 273 -3.61 -11.61 -9.15
N LEU A 274 -4.65 -11.47 -9.97
CA LEU A 274 -4.72 -12.25 -11.18
C LEU A 274 -3.50 -11.94 -12.08
N ILE A 275 -3.11 -12.96 -12.83
CA ILE A 275 -2.01 -12.82 -13.78
C ILE A 275 -2.58 -12.05 -14.95
N ARG A 276 -2.01 -10.86 -15.11
CA ARG A 276 -2.39 -9.92 -16.15
C ARG A 276 -1.60 -10.23 -17.40
N VAL A 277 -2.26 -10.14 -18.54
CA VAL A 277 -1.65 -10.49 -19.84
C VAL A 277 -0.87 -9.27 -20.38
N THR A 278 -1.18 -8.09 -19.87
CA THR A 278 -0.49 -6.84 -20.22
C THR A 278 0.06 -6.25 -18.95
N ASN A 279 1.17 -5.50 -19.04
CA ASN A 279 1.67 -4.69 -17.90
C ASN A 279 1.00 -3.34 -17.71
N ASP A 280 0.11 -2.94 -18.63
CA ASP A 280 -0.37 -1.54 -18.62
C ASP A 280 -1.52 -1.24 -17.64
N GLN A 281 -1.99 0.01 -17.67
CA GLN A 281 -3.05 0.47 -16.73
C GLN A 281 -4.41 -0.14 -16.94
N THR A 282 -4.61 -0.85 -18.03
CA THR A 282 -5.94 -1.45 -18.31
C THR A 282 -6.18 -2.71 -17.47
N MET A 283 -5.11 -3.26 -16.87
CA MET A 283 -5.24 -4.45 -16.00
C MET A 283 -5.96 -5.58 -16.72
N THR A 284 -5.63 -5.79 -18.00
CA THR A 284 -6.26 -6.84 -18.76
C THR A 284 -5.80 -8.26 -18.34
N VAL A 285 -6.80 -9.14 -18.16
CA VAL A 285 -6.59 -10.57 -17.93
C VAL A 285 -7.25 -11.37 -19.04
N ASP A 286 -6.72 -12.56 -19.24
CA ASP A 286 -7.18 -13.44 -20.30
C ASP A 286 -7.82 -14.64 -19.66
N PRO A 287 -9.17 -14.72 -19.67
CA PRO A 287 -9.80 -15.86 -19.02
C PRO A 287 -9.62 -17.20 -19.73
N CYS A 288 -9.05 -17.19 -20.93
CA CYS A 288 -8.64 -18.45 -21.60
C CYS A 288 -7.59 -19.22 -20.79
N ASN A 289 -6.78 -18.49 -20.02
CA ASN A 289 -5.95 -19.12 -18.99
C ASN A 289 -5.89 -18.26 -17.72
N LEU A 290 -6.98 -18.31 -16.99
CA LEU A 290 -7.14 -17.50 -15.82
C LEU A 290 -6.26 -18.07 -14.73
N GLN A 291 -5.42 -17.22 -14.14
CA GLN A 291 -4.54 -17.64 -13.04
C GLN A 291 -4.51 -16.56 -11.94
N LEU A 292 -4.34 -17.02 -10.70
CA LEU A 292 -4.41 -16.20 -9.50
C LEU A 292 -3.19 -16.48 -8.65
N LEU A 293 -2.38 -15.42 -8.46
CA LEU A 293 -1.21 -15.41 -7.56
C LEU A 293 -1.75 -14.87 -6.21
N TYR A 294 -1.90 -15.77 -5.24
CA TYR A 294 -2.51 -15.47 -3.98
C TYR A 294 -1.51 -15.63 -2.85
N GLN A 295 -1.86 -15.09 -1.67
CA GLN A 295 -1.18 -15.43 -0.44
C GLN A 295 -1.97 -16.50 0.30
N GLY A 296 -1.24 -17.47 0.83
CA GLY A 296 -1.80 -18.63 1.55
C GLY A 296 -0.97 -18.84 2.80
N ARG A 297 -1.53 -19.53 3.79
CA ARG A 297 -0.78 -19.89 4.99
C ARG A 297 -1.13 -21.27 5.47
N ALA A 298 -0.21 -21.88 6.23
CA ALA A 298 -0.47 -23.19 6.81
C ALA A 298 -1.83 -23.18 7.54
N PRO A 299 -2.64 -24.23 7.38
CA PRO A 299 -3.98 -24.19 7.96
C PRO A 299 -4.04 -23.95 9.46
N ASN A 300 -3.06 -24.42 10.23
CA ASN A 300 -3.13 -24.33 11.70
C ASN A 300 -2.21 -23.23 12.25
N SER A 301 -1.66 -22.40 11.36
CA SER A 301 -0.96 -21.20 11.76
C SER A 301 -1.95 -20.26 12.48
N GLY A 302 -1.44 -19.39 13.33
CA GLY A 302 -2.30 -18.48 14.09
C GLY A 302 -1.49 -17.45 14.85
N GLY A 303 -2.12 -16.83 15.84
CA GLY A 303 -1.52 -15.74 16.60
C GLY A 303 -1.89 -14.37 16.04
N SER A 304 -1.09 -13.37 16.33
CA SER A 304 -1.45 -12.00 15.93
C SER A 304 -1.39 -11.91 14.38
N TYR A 305 -2.24 -11.07 13.82
CA TYR A 305 -2.39 -11.00 12.38
C TYR A 305 -1.05 -10.73 11.66
N ASN A 306 -0.31 -9.77 12.18
CA ASN A 306 0.97 -9.36 11.62
C ASN A 306 2.00 -10.47 11.46
N ASN A 307 1.94 -11.49 12.28
CA ASN A 307 2.90 -12.59 12.18
C ASN A 307 2.40 -13.83 11.43
N LEU A 308 1.25 -13.77 10.76
CA LEU A 308 0.79 -14.95 10.06
C LEU A 308 1.77 -15.30 8.93
N PRO A 309 2.09 -16.60 8.76
CA PRO A 309 3.14 -17.06 7.86
C PRO A 309 2.62 -17.24 6.42
N TYR A 310 2.30 -16.11 5.80
CA TYR A 310 1.83 -16.08 4.42
C TYR A 310 2.99 -16.29 3.42
N ARG A 311 2.66 -16.94 2.31
CA ARG A 311 3.60 -17.25 1.21
C ARG A 311 2.79 -17.20 -0.09
N PRO A 312 3.45 -17.02 -1.24
CA PRO A 312 2.72 -17.05 -2.53
C PRO A 312 2.36 -18.45 -2.98
N GLY A 313 1.20 -18.55 -3.63
CA GLY A 313 0.74 -19.74 -4.35
C GLY A 313 0.15 -19.29 -5.67
N LEU A 314 -0.05 -20.21 -6.59
CA LEU A 314 -0.69 -19.95 -7.87
C LEU A 314 -1.78 -20.94 -8.21
N LEU A 315 -2.98 -20.42 -8.44
CA LEU A 315 -4.10 -21.20 -9.00
C LEU A 315 -4.15 -21.04 -10.49
N THR A 316 -4.52 -22.13 -11.14
CA THR A 316 -4.67 -22.19 -12.61
C THR A 316 -6.03 -22.80 -12.88
N LEU A 317 -6.86 -22.10 -13.65
CA LEU A 317 -8.24 -22.53 -13.73
C LEU A 317 -8.30 -23.92 -14.42
N GLN A 318 -9.08 -24.86 -13.87
CA GLN A 318 -9.39 -26.17 -14.48
C GLN A 318 -10.58 -25.94 -15.44
N ARG A 319 -10.31 -25.99 -16.75
CA ARG A 319 -11.27 -25.53 -17.78
C ARG A 319 -12.25 -26.63 -18.17
CA CA B . -21.79 -6.47 9.94
S SO4 C . 5.07 -22.71 -15.76
O1 SO4 C . 3.70 -22.31 -16.17
O2 SO4 C . 5.88 -21.49 -15.48
O3 SO4 C . 5.64 -23.53 -16.87
O4 SO4 C . 5.06 -23.53 -14.54
S SO4 D . 0.15 -27.10 9.88
O1 SO4 D . 0.65 -25.92 10.64
O2 SO4 D . -1.23 -26.85 9.47
O3 SO4 D . 1.01 -27.32 8.68
O4 SO4 D . 0.21 -28.35 10.68
C1 EDO E . 25.19 1.83 14.17
O1 EDO E . 25.06 2.51 15.41
C2 EDO E . 26.62 1.38 14.05
O2 EDO E . 26.92 0.54 15.18
#